data_8AA8
#
_entry.id   8AA8
#
_cell.length_a   24.306
_cell.length_b   35.067
_cell.length_c   48.897
_cell.angle_alpha   91.36
_cell.angle_beta   89.95
_cell.angle_gamma   92.18
#
_symmetry.space_group_name_H-M   'P 1'
#
loop_
_entity.id
_entity.type
_entity.pdbx_description
1 polymer '30S ribosomal protein S24e'
2 water water
#
_entity_poly.entity_id   1
_entity_poly.type   'polypeptide(L)'
_entity_poly.pdbx_seq_one_letter_code
;MEIRVTEIKENKLLGRKEIYFEIIHEGEPTPSRKDVKGKLVAMLDLNPETTVIQYIRSYFGSRVSKGYAKAYESKERMFY
IEPEYILIRDGLIEKKEGE
;
_entity_poly.pdbx_strand_id   A,B
#
# COMPACT_ATOMS: atom_id res chain seq x y z
N MET A 1 0.97 -18.20 13.50
CA MET A 1 0.64 -17.30 12.37
C MET A 1 1.63 -17.54 11.25
N GLU A 2 1.22 -17.16 10.03
CA GLU A 2 2.08 -17.12 8.84
C GLU A 2 1.96 -15.72 8.24
N ILE A 3 3.10 -15.15 7.82
CA ILE A 3 3.22 -13.84 7.18
C ILE A 3 3.61 -14.01 5.72
N ARG A 4 2.94 -13.26 4.84
CA ARG A 4 3.21 -13.21 3.40
C ARG A 4 3.60 -11.77 3.03
N VAL A 5 4.87 -11.50 2.69
CA VAL A 5 5.27 -10.17 2.24
C VAL A 5 4.74 -9.96 0.82
N THR A 6 3.98 -8.89 0.58
CA THR A 6 3.37 -8.66 -0.72
C THR A 6 4.12 -7.61 -1.53
N GLU A 7 4.89 -6.73 -0.88
CA GLU A 7 5.57 -5.65 -1.58
C GLU A 7 6.56 -5.00 -0.65
N ILE A 8 7.78 -4.74 -1.13
CA ILE A 8 8.74 -3.89 -0.42
C ILE A 8 9.11 -2.72 -1.33
N LYS A 9 8.80 -1.47 -0.88
CA LYS A 9 9.16 -0.24 -1.59
C LYS A 9 10.38 0.37 -0.87
N GLU A 10 11.37 0.83 -1.68
CA GLU A 10 12.47 1.65 -1.19
C GLU A 10 11.98 3.10 -1.15
N ASN A 11 12.44 3.83 -0.13
CA ASN A 11 12.19 5.25 0.03
C ASN A 11 13.53 5.89 0.39
N LYS A 12 14.34 6.12 -0.65
CA LYS A 12 15.68 6.68 -0.50
C LYS A 12 15.62 8.08 0.15
N LEU A 13 14.58 8.88 -0.15
CA LEU A 13 14.41 10.19 0.48
C LEU A 13 14.35 10.10 2.00
N LEU A 14 13.53 9.15 2.51
CA LEU A 14 13.26 9.02 3.95
C LEU A 14 14.11 7.94 4.60
N GLY A 15 15.02 7.32 3.82
CA GLY A 15 15.99 6.34 4.28
C GLY A 15 15.35 5.09 4.88
N ARG A 16 14.29 4.56 4.23
CA ARG A 16 13.57 3.42 4.78
C ARG A 16 13.05 2.49 3.67
N LYS A 17 12.88 1.21 4.05
CA LYS A 17 12.16 0.24 3.25
C LYS A 17 10.74 0.17 3.80
N GLU A 18 9.75 0.25 2.90
CA GLU A 18 8.34 0.16 3.25
C GLU A 18 7.87 -1.24 2.85
N ILE A 19 7.40 -1.99 3.86
CA ILE A 19 7.16 -3.43 3.77
C ILE A 19 5.67 -3.66 4.00
N TYR A 20 5.00 -4.23 2.99
CA TYR A 20 3.58 -4.52 3.06
C TYR A 20 3.44 -6.03 3.09
N PHE A 21 2.58 -6.52 4.00
CA PHE A 21 2.46 -7.95 4.25
C PHE A 21 1.04 -8.29 4.73
N GLU A 22 0.71 -9.56 4.63
CA GLU A 22 -0.50 -10.18 5.13
C GLU A 22 -0.12 -11.10 6.29
N ILE A 23 -0.99 -11.12 7.32
CA ILE A 23 -0.91 -12.00 8.47
C ILE A 23 -2.11 -12.92 8.43
N ILE A 24 -1.83 -14.23 8.28
CA ILE A 24 -2.80 -15.32 8.37
C ILE A 24 -2.71 -15.93 9.78
N HIS A 25 -3.86 -15.90 10.50
CA HIS A 25 -3.95 -16.33 11.90
C HIS A 25 -5.24 -17.13 12.15
N GLU A 26 -5.42 -18.22 11.39
CA GLU A 26 -6.54 -19.13 11.50
C GLU A 26 -6.27 -20.15 12.59
N GLY A 27 -7.33 -20.58 13.28
CA GLY A 27 -7.22 -21.50 14.42
C GLY A 27 -6.21 -21.00 15.46
N GLU A 28 -6.14 -19.67 15.63
CA GLU A 28 -5.38 -19.02 16.69
C GLU A 28 -5.95 -17.61 16.93
N PRO A 29 -5.68 -16.98 18.09
CA PRO A 29 -6.17 -15.64 18.37
C PRO A 29 -5.36 -14.69 17.52
N THR A 30 -5.92 -13.49 17.25
CA THR A 30 -5.24 -12.47 16.48
C THR A 30 -3.90 -12.18 17.16
N PRO A 31 -2.77 -12.26 16.44
CA PRO A 31 -1.47 -12.08 17.08
C PRO A 31 -1.30 -10.65 17.59
N SER A 32 -0.48 -10.48 18.62
CA SER A 32 -0.11 -9.17 19.13
C SER A 32 0.84 -8.50 18.12
N ARG A 33 0.91 -7.15 18.18
CA ARG A 33 1.85 -6.37 17.41
C ARG A 33 3.25 -6.95 17.59
N LYS A 34 3.67 -7.15 18.86
CA LYS A 34 4.98 -7.68 19.23
C LYS A 34 5.28 -9.01 18.54
N ASP A 35 4.34 -9.97 18.59
CA ASP A 35 4.48 -11.26 17.93
C ASP A 35 4.59 -11.09 16.41
N VAL A 36 3.71 -10.28 15.81
CA VAL A 36 3.76 -10.00 14.37
C VAL A 36 5.12 -9.37 14.04
N LYS A 37 5.57 -8.36 14.77
CA LYS A 37 6.88 -7.74 14.52
C LYS A 37 7.99 -8.79 14.58
N GLY A 38 7.95 -9.63 15.64
CA GLY A 38 8.96 -10.65 15.89
C GLY A 38 9.09 -11.60 14.71
N LYS A 39 7.91 -12.00 14.19
CA LYS A 39 7.80 -12.89 13.02
C LYS A 39 8.40 -12.21 11.79
N LEU A 40 8.02 -10.94 11.51
CA LEU A 40 8.49 -10.23 10.33
C LEU A 40 9.99 -9.94 10.40
N VAL A 41 10.48 -9.56 11.60
CA VAL A 41 11.90 -9.32 11.81
C VAL A 41 12.71 -10.60 11.47
N ALA A 42 12.19 -11.76 11.90
CA ALA A 42 12.84 -13.04 11.70
C ALA A 42 12.91 -13.38 10.21
N MET A 43 11.82 -13.16 9.48
CA MET A 43 11.71 -13.55 8.08
C MET A 43 12.63 -12.72 7.20
N LEU A 44 12.66 -11.40 7.43
CA LEU A 44 13.45 -10.51 6.60
C LEU A 44 14.80 -10.20 7.27
N ASP A 45 15.06 -10.81 8.43
CA ASP A 45 16.30 -10.62 9.18
C ASP A 45 16.56 -9.12 9.38
N LEU A 46 15.54 -8.43 9.91
CA LEU A 46 15.54 -6.98 10.13
C LEU A 46 16.23 -6.64 11.45
N ASN A 47 16.68 -5.37 11.62
CA ASN A 47 17.11 -4.89 12.91
C ASN A 47 15.85 -4.47 13.70
N PRO A 48 15.46 -5.15 14.79
CA PRO A 48 14.21 -4.79 15.48
C PRO A 48 14.28 -3.40 16.10
N GLU A 49 15.51 -2.89 16.31
CA GLU A 49 15.76 -1.57 16.89
C GLU A 49 15.44 -0.43 15.91
N THR A 50 15.44 -0.69 14.58
CA THR A 50 15.18 0.32 13.54
C THR A 50 13.98 -0.05 12.65
N THR A 51 13.13 -0.95 13.16
CA THR A 51 11.92 -1.43 12.47
C THR A 51 10.69 -1.04 13.29
N VAL A 52 9.67 -0.46 12.61
CA VAL A 52 8.42 -0.07 13.22
C VAL A 52 7.28 -0.71 12.42
N ILE A 53 6.31 -1.24 13.15
CA ILE A 53 4.98 -1.56 12.63
C ILE A 53 4.15 -0.29 12.62
N GLN A 54 3.82 0.23 11.43
CA GLN A 54 2.92 1.37 11.27
C GLN A 54 1.49 0.92 11.58
N TYR A 55 1.02 -0.16 10.92
CA TYR A 55 -0.29 -0.71 11.25
C TYR A 55 -0.36 -2.21 11.01
N ILE A 56 -1.31 -2.80 11.76
CA ILE A 56 -1.86 -4.14 11.56
C ILE A 56 -3.38 -3.98 11.54
N ARG A 57 -3.99 -4.07 10.34
CA ARG A 57 -5.38 -3.74 10.11
C ARG A 57 -6.20 -5.01 9.89
N SER A 58 -7.42 -5.03 10.43
CA SER A 58 -8.42 -6.05 10.07
C SER A 58 -9.63 -5.42 9.39
N TYR A 59 -10.31 -6.20 8.54
CA TYR A 59 -11.37 -5.72 7.64
C TYR A 59 -12.58 -6.66 7.81
N PHE A 60 -13.76 -6.08 7.54
CA PHE A 60 -15.06 -6.70 7.71
C PHE A 60 -15.12 -8.00 6.90
N GLY A 61 -14.88 -7.88 5.59
CA GLY A 61 -14.96 -9.04 4.70
C GLY A 61 -13.83 -10.07 4.76
N SER A 62 -12.79 -9.90 5.62
CA SER A 62 -11.53 -10.65 5.49
C SER A 62 -11.10 -11.25 6.84
N ARG A 63 -10.55 -12.47 6.81
CA ARG A 63 -9.93 -13.15 7.94
C ARG A 63 -8.43 -12.81 8.04
N VAL A 64 -7.86 -12.24 6.97
CA VAL A 64 -6.43 -11.97 6.86
C VAL A 64 -6.19 -10.48 7.21
N SER A 65 -5.23 -10.24 8.13
CA SER A 65 -4.84 -8.90 8.52
C SER A 65 -3.78 -8.36 7.54
N LYS A 66 -3.79 -7.03 7.35
CA LYS A 66 -2.80 -6.38 6.50
C LYS A 66 -1.90 -5.52 7.38
N GLY A 67 -0.59 -5.63 7.13
CA GLY A 67 0.44 -4.96 7.89
C GLY A 67 1.28 -4.03 6.99
N TYR A 68 1.82 -3.00 7.63
CA TYR A 68 2.75 -2.04 7.05
C TYR A 68 3.83 -1.84 8.10
N ALA A 69 5.07 -2.20 7.76
CA ALA A 69 6.25 -1.96 8.59
C ALA A 69 7.22 -1.09 7.81
N LYS A 70 8.07 -0.35 8.52
CA LYS A 70 9.19 0.40 7.96
C LYS A 70 10.47 -0.07 8.64
N ALA A 71 11.49 -0.33 7.82
CA ALA A 71 12.85 -0.65 8.25
C ALA A 71 13.77 0.53 7.88
N TYR A 72 14.25 1.21 8.91
CA TYR A 72 15.05 2.42 8.78
C TYR A 72 16.53 2.05 8.67
N GLU A 73 17.25 2.88 7.91
CA GLU A 73 18.69 2.78 7.75
C GLU A 73 19.42 3.10 9.07
N SER A 74 18.77 3.87 9.96
CA SER A 74 19.35 4.23 11.25
C SER A 74 18.25 4.60 12.25
N LYS A 75 18.58 4.45 13.54
CA LYS A 75 17.64 4.76 14.60
C LYS A 75 17.47 6.26 14.76
N GLU A 76 18.52 7.06 14.45
CA GLU A 76 18.40 8.52 14.43
C GLU A 76 17.39 8.94 13.34
N ARG A 77 17.52 8.39 12.12
CA ARG A 77 16.58 8.64 11.04
C ARG A 77 15.15 8.28 11.43
N MET A 78 14.96 7.06 11.96
CA MET A 78 13.67 6.60 12.44
C MET A 78 13.05 7.63 13.41
N PHE A 79 13.81 8.07 14.40
CA PHE A 79 13.36 9.02 15.41
C PHE A 79 13.00 10.38 14.82
N TYR A 80 13.73 10.85 13.81
CA TYR A 80 13.43 12.10 13.12
C TYR A 80 12.05 12.04 12.44
N ILE A 81 11.74 10.93 11.76
CA ILE A 81 10.54 10.82 10.92
C ILE A 81 9.32 10.35 11.75
N GLU A 82 9.51 9.32 12.58
CA GLU A 82 8.39 8.59 13.14
C GLU A 82 7.78 9.38 14.30
N PRO A 83 6.44 9.48 14.36
CA PRO A 83 5.78 10.12 15.49
C PRO A 83 5.98 9.26 16.73
N GLU A 84 5.86 9.92 17.89
CA GLU A 84 6.15 9.32 19.18
C GLU A 84 5.24 8.11 19.47
N TYR A 85 3.93 8.18 19.11
CA TYR A 85 2.96 7.13 19.45
C TYR A 85 3.36 5.80 18.78
N ILE A 86 3.87 5.88 17.54
CA ILE A 86 4.33 4.71 16.78
C ILE A 86 5.50 4.04 17.49
N LEU A 87 6.47 4.84 17.94
CA LEU A 87 7.67 4.38 18.63
C LEU A 87 7.30 3.76 19.98
N ILE A 88 6.33 4.34 20.69
CA ILE A 88 5.87 3.85 22.00
C ILE A 88 5.18 2.49 21.92
N ARG A 89 4.15 2.36 21.08
CA ARG A 89 3.35 1.15 21.02
C ARG A 89 4.10 0.01 20.35
N ASP A 90 5.12 0.33 19.51
CA ASP A 90 6.01 -0.67 18.92
C ASP A 90 7.28 -0.88 19.77
N GLY A 91 7.28 -0.39 21.02
CA GLY A 91 8.38 -0.69 21.98
C GLY A 91 9.70 0.01 21.74
N LEU A 92 9.80 0.80 20.69
CA LEU A 92 11.08 1.51 20.37
C LEU A 92 11.44 2.54 21.44
N ILE A 93 10.45 3.24 22.01
CA ILE A 93 10.73 4.18 23.13
C ILE A 93 10.41 3.50 24.47
N GLU B 2 -5.21 7.73 -3.36
CA GLU B 2 -5.79 8.93 -3.93
C GLU B 2 -5.59 8.91 -5.44
N ILE B 3 -6.66 9.16 -6.21
CA ILE B 3 -6.59 9.34 -7.67
C ILE B 3 -6.86 10.81 -7.99
N ARG B 4 -6.01 11.38 -8.84
CA ARG B 4 -6.13 12.70 -9.41
C ARG B 4 -6.27 12.52 -10.93
N VAL B 5 -7.43 12.86 -11.49
CA VAL B 5 -7.63 12.81 -12.94
C VAL B 5 -6.87 13.98 -13.54
N THR B 6 -5.99 13.68 -14.52
CA THR B 6 -5.06 14.61 -15.14
C THR B 6 -5.67 15.22 -16.40
N GLU B 7 -6.36 14.37 -17.18
CA GLU B 7 -6.84 14.74 -18.50
C GLU B 7 -7.85 13.70 -18.93
N ILE B 8 -8.94 14.18 -19.57
CA ILE B 8 -9.90 13.35 -20.29
C ILE B 8 -9.95 13.86 -21.73
N LYS B 9 -9.72 12.97 -22.71
CA LYS B 9 -9.85 13.27 -24.14
C LYS B 9 -11.05 12.47 -24.68
N GLU B 10 -11.94 13.15 -25.42
CA GLU B 10 -13.01 12.49 -26.17
C GLU B 10 -12.39 11.91 -27.43
N ASN B 11 -12.71 10.65 -27.76
CA ASN B 11 -12.26 10.01 -28.99
C ASN B 11 -13.47 9.38 -29.67
N LYS B 12 -14.23 10.23 -30.37
CA LYS B 12 -15.46 9.92 -31.09
C LYS B 12 -15.22 8.86 -32.14
N LEU B 13 -14.14 9.02 -32.93
CA LEU B 13 -13.71 8.09 -33.97
C LEU B 13 -13.65 6.65 -33.46
N LEU B 14 -13.04 6.46 -32.27
CA LEU B 14 -12.88 5.16 -31.63
C LEU B 14 -13.99 4.91 -30.59
N GLY B 15 -14.93 5.85 -30.46
CA GLY B 15 -16.11 5.75 -29.60
C GLY B 15 -15.80 5.52 -28.12
N ARG B 16 -14.85 6.27 -27.57
CA ARG B 16 -14.47 6.15 -26.16
C ARG B 16 -14.00 7.50 -25.61
N LYS B 17 -14.01 7.65 -24.29
CA LYS B 17 -13.26 8.72 -23.62
C LYS B 17 -11.98 8.08 -23.11
N GLU B 18 -10.89 8.86 -23.09
CA GLU B 18 -9.60 8.43 -22.60
C GLU B 18 -9.33 9.21 -21.33
N ILE B 19 -9.12 8.50 -20.21
CA ILE B 19 -8.98 9.11 -18.89
C ILE B 19 -7.57 8.83 -18.37
N TYR B 20 -6.81 9.91 -18.20
CA TYR B 20 -5.45 9.87 -17.72
C TYR B 20 -5.51 10.39 -16.28
N PHE B 21 -4.82 9.69 -15.38
CA PHE B 21 -4.86 9.98 -13.95
C PHE B 21 -3.59 9.51 -13.27
N GLU B 22 -3.33 10.05 -12.08
CA GLU B 22 -2.24 9.63 -11.21
C GLU B 22 -2.85 8.92 -10.01
N ILE B 23 -2.08 7.97 -9.44
CA ILE B 23 -2.44 7.16 -8.28
C ILE B 23 -1.39 7.37 -7.19
N ILE B 24 -1.80 8.00 -6.10
CA ILE B 24 -1.02 8.20 -4.88
C ILE B 24 -1.42 7.11 -3.87
N HIS B 25 -0.41 6.40 -3.33
CA HIS B 25 -0.61 5.28 -2.44
C HIS B 25 0.49 5.26 -1.36
N GLU B 26 0.57 6.32 -0.53
CA GLU B 26 1.74 6.58 0.31
C GLU B 26 1.86 5.69 1.55
N GLY B 27 0.75 5.16 2.11
CA GLY B 27 0.84 4.23 3.23
C GLY B 27 0.08 2.92 2.97
N GLU B 28 0.09 2.48 1.71
CA GLU B 28 -0.54 1.24 1.26
C GLU B 28 0.33 0.58 0.20
N PRO B 29 0.13 -0.73 -0.09
CA PRO B 29 0.78 -1.37 -1.22
C PRO B 29 0.17 -0.78 -2.48
N THR B 30 0.92 -0.83 -3.59
CA THR B 30 0.42 -0.47 -4.91
C THR B 30 -0.92 -1.16 -5.13
N PRO B 31 -1.99 -0.41 -5.45
CA PRO B 31 -3.32 -1.01 -5.61
C PRO B 31 -3.36 -1.90 -6.84
N SER B 32 -4.18 -2.96 -6.80
CA SER B 32 -4.46 -3.80 -7.96
C SER B 32 -5.27 -3.03 -9.00
N ARG B 33 -5.34 -3.56 -10.23
CA ARG B 33 -6.21 -3.02 -11.27
C ARG B 33 -7.63 -2.91 -10.73
N LYS B 34 -8.07 -3.96 -10.02
CA LYS B 34 -9.41 -4.06 -9.44
C LYS B 34 -9.69 -2.89 -8.49
N ASP B 35 -8.75 -2.62 -7.57
CA ASP B 35 -8.79 -1.52 -6.61
C ASP B 35 -8.91 -0.18 -7.35
N VAL B 36 -7.97 0.08 -8.26
CA VAL B 36 -7.88 1.34 -9.01
C VAL B 36 -9.16 1.57 -9.81
N LYS B 37 -9.63 0.55 -10.53
CA LYS B 37 -10.86 0.66 -11.31
C LYS B 37 -12.06 0.98 -10.41
N GLY B 38 -12.12 0.39 -9.22
CA GLY B 38 -13.14 0.64 -8.22
C GLY B 38 -13.26 2.12 -7.84
N LYS B 39 -12.13 2.73 -7.43
CA LYS B 39 -12.00 4.13 -7.07
C LYS B 39 -12.38 5.01 -8.26
N LEU B 40 -11.82 4.75 -9.45
CA LEU B 40 -12.07 5.58 -10.63
C LEU B 40 -13.55 5.56 -11.08
N VAL B 41 -14.17 4.38 -11.14
CA VAL B 41 -15.58 4.19 -11.41
C VAL B 41 -16.41 5.01 -10.41
N ALA B 42 -16.04 4.95 -9.12
CA ALA B 42 -16.71 5.67 -8.05
C ALA B 42 -16.62 7.18 -8.26
N MET B 43 -15.41 7.66 -8.56
CA MET B 43 -15.12 9.08 -8.65
C MET B 43 -15.83 9.73 -9.84
N LEU B 44 -15.78 9.07 -10.99
CA LEU B 44 -16.29 9.59 -12.24
C LEU B 44 -17.66 9.00 -12.56
N ASP B 45 -18.17 8.10 -11.71
CA ASP B 45 -19.50 7.52 -11.90
C ASP B 45 -19.58 6.88 -13.29
N LEU B 46 -18.62 5.99 -13.54
CA LEU B 46 -18.45 5.32 -14.82
C LEU B 46 -19.28 4.04 -14.77
N ASN B 47 -19.65 3.53 -15.96
CA ASN B 47 -20.12 2.18 -16.13
C ASN B 47 -18.93 1.23 -16.06
N PRO B 48 -18.80 0.37 -15.01
CA PRO B 48 -17.65 -0.52 -14.88
C PRO B 48 -17.56 -1.54 -16.02
N GLU B 49 -18.72 -1.95 -16.55
CA GLU B 49 -18.86 -2.94 -17.62
C GLU B 49 -18.34 -2.40 -18.96
N THR B 50 -18.21 -1.07 -19.17
CA THR B 50 -17.72 -0.50 -20.43
C THR B 50 -16.44 0.32 -20.22
N THR B 51 -15.79 0.11 -19.07
CA THR B 51 -14.57 0.81 -18.67
C THR B 51 -13.44 -0.20 -18.55
N VAL B 52 -12.30 0.09 -19.21
CA VAL B 52 -11.14 -0.80 -19.20
C VAL B 52 -9.94 0.00 -18.71
N ILE B 53 -9.23 -0.52 -17.67
CA ILE B 53 -7.94 0.02 -17.26
C ILE B 53 -6.89 -0.49 -18.27
N GLN B 54 -6.41 0.40 -19.16
CA GLN B 54 -5.42 0.08 -20.18
C GLN B 54 -4.05 -0.13 -19.51
N TYR B 55 -3.65 0.79 -18.60
CA TYR B 55 -2.41 0.62 -17.87
C TYR B 55 -2.42 1.36 -16.53
N ILE B 56 -1.67 0.75 -15.60
CA ILE B 56 -1.17 1.32 -14.35
C ILE B 56 0.36 1.12 -14.35
N ARG B 57 1.10 2.23 -14.52
CA ARG B 57 2.55 2.17 -14.64
C ARG B 57 3.21 2.78 -13.39
N SER B 58 4.26 2.12 -12.88
CA SER B 58 5.13 2.67 -11.85
C SER B 58 6.52 2.87 -12.46
N TYR B 59 7.22 3.95 -12.07
CA TYR B 59 8.49 4.35 -12.67
C TYR B 59 9.57 4.28 -11.58
N PHE B 60 10.83 4.11 -12.00
CA PHE B 60 11.97 4.29 -11.12
C PHE B 60 12.09 5.75 -10.75
N ARG B 63 7.25 7.17 -7.08
CA ARG B 63 6.31 7.54 -6.00
C ARG B 63 4.85 7.51 -6.44
N VAL B 64 4.49 8.21 -7.54
CA VAL B 64 3.13 8.20 -8.09
C VAL B 64 3.06 7.18 -9.25
N SER B 65 1.97 6.39 -9.33
CA SER B 65 1.67 5.54 -10.50
C SER B 65 0.78 6.33 -11.48
N LYS B 66 0.83 5.97 -12.76
CA LYS B 66 0.11 6.66 -13.81
C LYS B 66 -0.84 5.68 -14.49
N GLY B 67 -2.06 6.12 -14.75
CA GLY B 67 -3.14 5.29 -15.23
C GLY B 67 -3.75 5.86 -16.50
N TYR B 68 -4.25 4.96 -17.34
CA TYR B 68 -5.00 5.23 -18.54
C TYR B 68 -6.19 4.28 -18.54
N ALA B 69 -7.40 4.85 -18.43
CA ALA B 69 -8.67 4.15 -18.56
C ALA B 69 -9.41 4.61 -19.82
N LYS B 70 -10.16 3.69 -20.44
CA LYS B 70 -11.03 3.99 -21.57
C LYS B 70 -12.46 3.71 -21.15
N ALA B 71 -13.36 4.69 -21.33
CA ALA B 71 -14.80 4.53 -21.13
C ALA B 71 -15.50 4.54 -22.50
N TYR B 72 -16.03 3.37 -22.90
CA TYR B 72 -16.72 3.12 -24.17
C TYR B 72 -18.21 3.48 -24.05
#